data_3I52
#
_entry.id   3I52
#
_cell.length_a   45.681
_cell.length_b   50.870
_cell.length_c   68.961
_cell.angle_alpha   90.00
_cell.angle_beta   102.71
_cell.angle_gamma   90.00
#
_symmetry.space_group_name_H-M   'P 1 21 1'
#
loop_
_entity.id
_entity.type
_entity.pdbx_description
1 polymer 'Putative leucoanthocyanidin reductase 1'
2 non-polymer 'NADP NICOTINAMIDE-ADENINE-DINUCLEOTIDE PHOSPHATE'
3 non-polymer (2R,3S)-2-(3,4-dihydroxyphenyl)-3,4-dihydro-2H-chromene-3,5,7-triol
4 water water
#
_entity_poly.entity_id   1
_entity_poly.type   'polypeptide(L)'
_entity_poly.pdbx_seq_one_letter_code
;MTVSPVPSPKGRVLIAGATGFIGQFVATASLDAHRPTYILARPGPRSPSKAKIFKALEDKGAIIVYGLINEQEAMEKILK
EHEIDIVVSTVGGESILDQIALVKAMKAVGTIKRFLPSEFGHDVNRADPVEPGLNMYREKRRVRQLVEESGIPFTYICCN
SIASWPYYNNIHPSEVLPPTDFFQIYGDGNVKAYFVAGTDIGKFTMKTVDDVRTLNKSVHFRPSCNCLNINELASVWEKK
IGRTLPRVTVTEDDLLAAAGENIIPQSVVAAFTHDIFIKGCQVNFSIDGPEDVEVTTLYPEDSFRTVEECFGEYIVKMEE
KQPTADSAIANTGPVVGMRQVTATCA
;
_entity_poly.pdbx_strand_id   A
#
# COMPACT_ATOMS: atom_id res chain seq x y z
N GLY A 11 -16.78 -15.74 -6.74
CA GLY A 11 -16.21 -14.49 -6.16
C GLY A 11 -15.37 -13.71 -7.16
N ARG A 12 -16.04 -12.94 -8.04
CA ARG A 12 -15.35 -12.21 -9.10
C ARG A 12 -14.78 -10.91 -8.57
N VAL A 13 -13.53 -10.62 -8.95
CA VAL A 13 -12.80 -9.44 -8.44
C VAL A 13 -12.61 -8.43 -9.57
N LEU A 14 -12.94 -7.17 -9.29
CA LEU A 14 -12.62 -6.03 -10.16
C LEU A 14 -11.54 -5.19 -9.47
N ILE A 15 -10.43 -4.97 -10.18
CA ILE A 15 -9.31 -4.16 -9.71
C ILE A 15 -9.13 -2.91 -10.55
N ALA A 16 -9.30 -1.73 -9.94
CA ALA A 16 -8.97 -0.44 -10.56
C ALA A 16 -7.54 -0.08 -10.21
N GLY A 17 -6.76 0.31 -11.21
CA GLY A 17 -5.36 0.70 -11.02
C GLY A 17 -4.35 -0.43 -11.22
N ALA A 18 -4.71 -1.44 -12.00
CA ALA A 18 -3.87 -2.65 -12.13
C ALA A 18 -2.52 -2.43 -12.83
N THR A 19 -2.37 -1.33 -13.58
CA THR A 19 -1.09 -1.00 -14.21
C THR A 19 -0.24 -0.10 -13.32
N GLY A 20 -0.80 0.30 -12.18
CA GLY A 20 -0.06 1.06 -11.21
C GLY A 20 0.92 0.20 -10.43
N PHE A 21 1.74 0.85 -9.61
CA PHE A 21 2.81 0.19 -8.90
C PHE A 21 2.27 -0.86 -7.90
N ILE A 22 1.30 -0.47 -7.06
CA ILE A 22 0.66 -1.44 -6.16
C ILE A 22 -0.26 -2.40 -6.89
N GLY A 23 -1.03 -1.88 -7.84
CA GLY A 23 -1.99 -2.66 -8.58
C GLY A 23 -1.42 -3.87 -9.27
N GLN A 24 -0.27 -3.69 -9.96
CA GLN A 24 0.40 -4.80 -10.65
C GLN A 24 0.59 -6.01 -9.71
N PHE A 25 1.06 -5.77 -8.48
CA PHE A 25 1.23 -6.84 -7.51
C PHE A 25 -0.13 -7.44 -7.06
N VAL A 26 -1.13 -6.59 -6.83
CA VAL A 26 -2.45 -7.06 -6.40
C VAL A 26 -3.14 -7.81 -7.53
N ALA A 27 -3.07 -7.29 -8.76
CA ALA A 27 -3.65 -7.99 -9.92
C ALA A 27 -2.96 -9.33 -10.21
N THR A 28 -1.65 -9.36 -10.09
CA THR A 28 -0.90 -10.59 -10.33
C THR A 28 -1.26 -11.64 -9.28
N ALA A 29 -1.37 -11.21 -8.03
CA ALA A 29 -1.67 -12.12 -6.92
C ALA A 29 -3.06 -12.75 -7.09
N SER A 30 -4.04 -11.92 -7.42
CA SER A 30 -5.41 -12.37 -7.62
C SER A 30 -5.49 -13.50 -8.66
N LEU A 31 -4.83 -13.29 -9.80
CA LEU A 31 -4.77 -14.31 -10.84
C LEU A 31 -4.05 -15.57 -10.35
N ASP A 32 -2.94 -15.40 -9.64
CA ASP A 32 -2.19 -16.54 -9.06
C ASP A 32 -3.02 -17.39 -8.10
N ALA A 33 -3.99 -16.77 -7.43
CA ALA A 33 -4.90 -17.45 -6.49
C ALA A 33 -6.11 -18.05 -7.20
N HIS A 34 -6.11 -17.97 -8.53
CA HIS A 34 -7.18 -18.54 -9.35
CA HIS A 34 -7.17 -18.48 -9.39
C HIS A 34 -8.54 -17.87 -9.06
N ARG A 35 -8.56 -16.56 -8.87
CA ARG A 35 -9.81 -15.82 -8.68
C ARG A 35 -10.20 -15.20 -10.04
N PRO A 36 -11.49 -15.26 -10.42
CA PRO A 36 -11.90 -14.51 -11.62
C PRO A 36 -11.63 -13.02 -11.45
N THR A 37 -10.78 -12.47 -12.33
CA THR A 37 -10.22 -11.13 -12.15
C THR A 37 -10.44 -10.24 -13.36
N TYR A 38 -11.21 -9.18 -13.16
CA TYR A 38 -11.50 -8.19 -14.20
C TYR A 38 -10.63 -6.99 -13.91
N ILE A 39 -10.01 -6.42 -14.94
CA ILE A 39 -9.15 -5.27 -14.69
C ILE A 39 -9.52 -4.06 -15.52
N LEU A 40 -9.82 -2.98 -14.79
CA LEU A 40 -10.32 -1.75 -15.37
C LEU A 40 -9.24 -1.02 -16.15
N ALA A 41 -9.58 -0.59 -17.36
CA ALA A 41 -8.63 0.04 -18.29
C ALA A 41 -9.10 1.42 -18.77
N ARG A 42 -8.21 2.42 -18.65
CA ARG A 42 -8.50 3.83 -19.01
C ARG A 42 -8.64 4.04 -20.52
N PHE A 54 -0.55 -5.08 -18.79
CA PHE A 54 -1.80 -5.62 -19.35
C PHE A 54 -1.55 -6.94 -20.04
N LYS A 55 -0.64 -6.93 -21.01
CA LYS A 55 -0.29 -8.14 -21.74
C LYS A 55 -0.04 -9.34 -20.80
N ALA A 56 0.93 -9.18 -19.90
CA ALA A 56 1.25 -10.21 -18.89
C ALA A 56 0.05 -10.64 -18.06
N LEU A 57 -0.80 -9.69 -17.69
CA LEU A 57 -2.01 -9.99 -16.92
C LEU A 57 -3.04 -10.70 -17.79
N GLU A 58 -3.18 -10.27 -19.04
CA GLU A 58 -4.11 -10.93 -19.96
C GLU A 58 -3.66 -12.38 -20.26
N ASP A 59 -2.35 -12.59 -20.47
CA ASP A 59 -1.78 -13.93 -20.73
C ASP A 59 -1.96 -14.88 -19.53
N LYS A 60 -2.20 -14.31 -18.35
CA LYS A 60 -2.43 -15.08 -17.13
C LYS A 60 -3.93 -15.25 -16.79
N GLY A 61 -4.82 -14.68 -17.61
CA GLY A 61 -6.27 -14.90 -17.49
C GLY A 61 -7.18 -13.69 -17.22
N ALA A 62 -6.61 -12.51 -17.01
CA ALA A 62 -7.41 -11.32 -16.69
C ALA A 62 -8.39 -10.95 -17.81
N ILE A 63 -9.57 -10.48 -17.42
CA ILE A 63 -10.56 -9.94 -18.35
C ILE A 63 -10.59 -8.40 -18.25
N ILE A 64 -10.19 -7.73 -19.33
CA ILE A 64 -10.08 -6.28 -19.36
C ILE A 64 -11.42 -5.63 -19.69
N VAL A 65 -11.81 -4.68 -18.86
CA VAL A 65 -13.05 -3.93 -19.06
C VAL A 65 -12.74 -2.46 -18.94
N TYR A 66 -13.46 -1.64 -19.70
CA TYR A 66 -13.07 -0.25 -19.92
C TYR A 66 -13.96 0.76 -19.20
N GLY A 67 -13.32 1.71 -18.50
CA GLY A 67 -14.03 2.77 -17.78
C GLY A 67 -13.12 3.53 -16.81
N LEU A 68 -13.67 4.60 -16.23
CA LEU A 68 -12.98 5.35 -15.20
C LEU A 68 -13.84 5.32 -13.93
N ILE A 69 -13.20 5.28 -12.76
CA ILE A 69 -13.92 5.06 -11.49
C ILE A 69 -14.68 6.28 -10.98
N ASN A 70 -14.42 7.44 -11.60
CA ASN A 70 -15.11 8.71 -11.30
C ASN A 70 -16.43 8.90 -12.08
N GLU A 71 -16.76 7.95 -12.97
CA GLU A 71 -18.01 7.94 -13.74
C GLU A 71 -19.02 6.96 -13.13
N GLN A 72 -19.93 7.49 -12.32
CA GLN A 72 -20.82 6.64 -11.53
C GLN A 72 -21.63 5.68 -12.39
N GLU A 73 -22.38 6.22 -13.35
CA GLU A 73 -23.31 5.43 -14.15
C GLU A 73 -22.60 4.33 -14.93
N ALA A 74 -21.36 4.61 -15.36
CA ALA A 74 -20.56 3.63 -16.11
C ALA A 74 -20.05 2.51 -15.20
N MET A 75 -19.65 2.84 -13.97
CA MET A 75 -19.25 1.82 -12.96
C MET A 75 -20.44 0.93 -12.56
N GLU A 76 -21.61 1.53 -12.40
CA GLU A 76 -22.82 0.75 -12.09
C GLU A 76 -23.04 -0.27 -13.18
N LYS A 77 -22.93 0.16 -14.44
CA LYS A 77 -23.13 -0.74 -15.57
C LYS A 77 -22.19 -1.94 -15.49
N ILE A 78 -20.93 -1.66 -15.16
CA ILE A 78 -19.86 -2.66 -15.12
C ILE A 78 -20.04 -3.67 -14.00
N LEU A 79 -20.28 -3.17 -12.80
CA LEU A 79 -20.50 -4.01 -11.65
C LEU A 79 -21.72 -4.94 -11.87
N LYS A 80 -22.80 -4.39 -12.45
CA LYS A 80 -24.02 -5.15 -12.77
C LYS A 80 -23.79 -6.22 -13.85
N GLU A 81 -23.24 -5.77 -14.99
CA GLU A 81 -23.06 -6.62 -16.16
C GLU A 81 -22.09 -7.77 -15.86
N HIS A 82 -20.98 -7.48 -15.19
CA HIS A 82 -19.96 -8.52 -14.97
C HIS A 82 -20.12 -9.29 -13.64
N GLU A 83 -21.19 -9.00 -12.89
CA GLU A 83 -21.54 -9.70 -11.64
C GLU A 83 -20.40 -9.71 -10.61
N ILE A 84 -19.82 -8.52 -10.44
CA ILE A 84 -18.68 -8.31 -9.58
C ILE A 84 -19.03 -8.39 -8.10
N ASP A 85 -18.22 -9.16 -7.37
CA ASP A 85 -18.38 -9.40 -5.95
C ASP A 85 -17.40 -8.55 -5.12
N ILE A 86 -16.17 -8.41 -5.58
CA ILE A 86 -15.13 -7.77 -4.79
C ILE A 86 -14.50 -6.63 -5.63
N VAL A 87 -14.38 -5.45 -5.03
CA VAL A 87 -13.79 -4.34 -5.74
C VAL A 87 -12.57 -3.92 -4.92
N VAL A 88 -11.42 -3.81 -5.58
CA VAL A 88 -10.16 -3.37 -5.01
C VAL A 88 -9.68 -2.16 -5.79
N SER A 89 -9.56 -1.01 -5.12
CA SER A 89 -9.05 0.18 -5.75
C SER A 89 -7.57 0.46 -5.36
N THR A 90 -6.72 0.66 -6.38
CA THR A 90 -5.31 1.01 -6.17
C THR A 90 -4.94 2.27 -6.97
N VAL A 91 -5.84 3.24 -6.98
CA VAL A 91 -5.57 4.50 -7.67
C VAL A 91 -4.59 5.34 -6.84
N GLY A 92 -3.87 6.23 -7.51
CA GLY A 92 -2.79 6.97 -6.90
C GLY A 92 -3.24 8.16 -6.08
N GLY A 93 -2.26 8.76 -5.41
CA GLY A 93 -2.52 9.81 -4.43
C GLY A 93 -3.21 11.04 -4.97
N GLU A 94 -3.16 11.22 -6.28
CA GLU A 94 -3.79 12.34 -6.96
C GLU A 94 -5.20 11.98 -7.46
N SER A 95 -5.61 10.73 -7.27
CA SER A 95 -6.92 10.28 -7.71
C SER A 95 -7.77 9.69 -6.58
N ILE A 96 -7.45 10.02 -5.33
CA ILE A 96 -8.12 9.42 -4.17
C ILE A 96 -9.61 9.78 -4.23
N LEU A 97 -9.92 11.05 -4.43
CA LEU A 97 -11.33 11.49 -4.48
C LEU A 97 -12.13 10.98 -5.68
N ASP A 98 -11.48 10.41 -6.70
CA ASP A 98 -12.17 9.77 -7.82
C ASP A 98 -12.94 8.54 -7.34
N GLN A 99 -12.58 8.04 -6.16
CA GLN A 99 -13.28 6.91 -5.54
C GLN A 99 -14.68 7.25 -5.02
N ILE A 100 -15.03 8.54 -4.95
CA ILE A 100 -16.35 8.93 -4.45
C ILE A 100 -17.44 8.40 -5.38
N ALA A 101 -17.28 8.60 -6.68
CA ALA A 101 -18.23 8.07 -7.67
C ALA A 101 -18.34 6.53 -7.61
N LEU A 102 -17.21 5.85 -7.35
CA LEU A 102 -17.17 4.38 -7.34
C LEU A 102 -18.02 3.86 -6.19
N VAL A 103 -17.93 4.53 -5.04
CA VAL A 103 -18.64 4.15 -3.81
C VAL A 103 -20.14 4.31 -4.01
N LYS A 104 -20.54 5.47 -4.54
CA LYS A 104 -21.94 5.73 -4.87
C LYS A 104 -22.45 4.67 -5.83
N ALA A 105 -21.61 4.26 -6.78
CA ALA A 105 -21.98 3.19 -7.72
C ALA A 105 -22.15 1.87 -7.01
N MET A 106 -21.25 1.53 -6.09
CA MET A 106 -21.41 0.26 -5.34
C MET A 106 -22.65 0.28 -4.42
N LYS A 107 -22.93 1.41 -3.79
CA LYS A 107 -24.11 1.53 -2.97
C LYS A 107 -25.37 1.24 -3.81
N ALA A 108 -25.43 1.85 -5.01
CA ALA A 108 -26.57 1.71 -5.92
C ALA A 108 -26.84 0.27 -6.43
N VAL A 109 -25.80 -0.45 -6.83
CA VAL A 109 -25.99 -1.82 -7.32
C VAL A 109 -26.32 -2.77 -6.16
N GLY A 110 -25.79 -2.47 -4.98
CA GLY A 110 -26.21 -3.11 -3.74
C GLY A 110 -25.71 -4.51 -3.51
N THR A 111 -24.97 -5.07 -4.47
CA THR A 111 -24.52 -6.46 -4.41
C THR A 111 -23.04 -6.69 -4.03
N ILE A 112 -22.31 -5.67 -3.57
CA ILE A 112 -20.84 -5.85 -3.36
C ILE A 112 -20.58 -6.48 -2.02
N LYS A 113 -19.77 -7.54 -2.04
CA LYS A 113 -19.43 -8.28 -0.83
C LYS A 113 -18.21 -7.71 -0.11
N ARG A 114 -17.32 -7.05 -0.84
CA ARG A 114 -16.17 -6.40 -0.18
C ARG A 114 -15.57 -5.34 -1.08
N PHE A 115 -15.35 -4.17 -0.47
CA PHE A 115 -14.57 -3.07 -1.05
C PHE A 115 -13.25 -2.82 -0.30
N LEU A 116 -12.14 -2.86 -1.03
CA LEU A 116 -10.85 -2.41 -0.52
C LEU A 116 -10.50 -1.12 -1.21
N PRO A 117 -10.62 0.01 -0.52
CA PRO A 117 -10.23 1.28 -1.11
C PRO A 117 -8.70 1.44 -1.18
N SER A 118 -8.24 2.44 -1.94
CA SER A 118 -6.81 2.69 -2.10
C SER A 118 -6.17 3.26 -0.85
N GLU A 119 -5.71 2.32 -0.03
CA GLU A 119 -5.13 2.58 1.24
C GLU A 119 -3.62 2.23 1.16
N PHE A 120 -3.26 0.99 1.45
CA PHE A 120 -1.96 0.39 1.14
C PHE A 120 -0.80 1.13 1.71
N GLY A 121 -0.98 1.67 2.91
CA GLY A 121 0.08 2.35 3.59
C GLY A 121 -0.10 2.30 5.08
N HIS A 122 -0.19 3.48 5.66
CA HIS A 122 -0.35 3.59 7.10
C HIS A 122 -1.82 3.65 7.50
N ASP A 123 -2.03 3.51 8.80
CA ASP A 123 -3.35 3.70 9.36
C ASP A 123 -3.65 5.19 9.32
N VAL A 124 -4.46 5.60 8.33
CA VAL A 124 -4.77 7.02 8.13
C VAL A 124 -5.52 7.64 9.28
N ASN A 125 -6.18 6.82 10.10
CA ASN A 125 -6.91 7.37 11.25
C ASN A 125 -6.05 7.55 12.50
N ARG A 126 -4.89 6.88 12.59
CA ARG A 126 -3.97 7.12 13.69
C ARG A 126 -2.79 8.03 13.35
N ALA A 127 -2.30 7.98 12.12
CA ALA A 127 -1.10 8.75 11.78
C ALA A 127 -1.43 10.24 11.64
N ASP A 128 -0.43 11.09 11.88
CA ASP A 128 -0.61 12.55 11.86
C ASP A 128 0.59 13.22 11.17
N PRO A 129 0.76 12.90 9.88
CA PRO A 129 1.90 13.49 9.15
C PRO A 129 1.74 15.00 8.96
N VAL A 130 2.81 15.71 8.67
CA VAL A 130 2.69 17.14 8.36
C VAL A 130 2.13 17.31 6.94
N GLU A 131 1.74 18.54 6.56
CA GLU A 131 1.35 18.82 5.20
C GLU A 131 2.58 18.71 4.26
N PRO A 132 2.38 18.34 2.98
CA PRO A 132 1.10 18.02 2.31
C PRO A 132 0.67 16.55 2.43
N GLY A 133 1.38 15.78 3.25
CA GLY A 133 0.94 14.41 3.56
C GLY A 133 -0.41 14.36 4.24
N LEU A 134 -0.64 15.28 5.17
CA LEU A 134 -1.86 15.35 5.92
C LEU A 134 -3.08 15.39 5.00
N ASN A 135 -3.01 16.17 3.94
CA ASN A 135 -4.14 16.26 3.01
C ASN A 135 -4.45 15.01 2.19
N MET A 136 -3.47 14.21 1.81
CA MET A 136 -3.82 12.91 1.23
C MET A 136 -4.58 12.03 2.27
N TYR A 137 -4.24 12.17 3.53
CA TYR A 137 -4.86 11.36 4.56
C TYR A 137 -6.26 11.91 4.84
N ARG A 138 -6.43 13.22 4.78
CA ARG A 138 -7.79 13.78 4.78
C ARG A 138 -8.67 13.18 3.70
N GLU A 139 -8.15 13.10 2.49
CA GLU A 139 -8.86 12.44 1.39
C GLU A 139 -9.14 10.96 1.64
N LYS A 140 -8.17 10.22 2.14
CA LYS A 140 -8.37 8.83 2.43
C LYS A 140 -9.43 8.64 3.54
N ARG A 141 -9.40 9.47 4.57
CA ARG A 141 -10.39 9.42 5.64
C ARG A 141 -11.78 9.78 5.15
N ARG A 142 -11.84 10.70 4.20
CA ARG A 142 -13.09 11.10 3.57
C ARG A 142 -13.70 9.90 2.82
N VAL A 143 -12.90 9.17 2.06
CA VAL A 143 -13.40 7.97 1.39
C VAL A 143 -13.93 6.91 2.41
N ARG A 144 -13.17 6.68 3.46
CA ARG A 144 -13.50 5.70 4.47
C ARG A 144 -14.85 5.98 5.08
N GLN A 145 -15.10 7.26 5.38
CA GLN A 145 -16.33 7.64 6.03
C GLN A 145 -17.52 7.53 5.06
N LEU A 146 -17.26 7.73 3.77
CA LEU A 146 -18.30 7.50 2.76
C LEU A 146 -18.59 6.00 2.62
N VAL A 147 -17.54 5.19 2.65
CA VAL A 147 -17.68 3.76 2.53
C VAL A 147 -18.65 3.25 3.64
N GLU A 148 -18.40 3.68 4.88
CA GLU A 148 -19.07 3.19 6.06
C GLU A 148 -20.50 3.75 6.24
N GLU A 149 -20.71 5.00 5.90
CA GLU A 149 -22.04 5.54 5.95
C GLU A 149 -22.89 4.93 4.86
N SER A 150 -22.26 4.60 3.73
CA SER A 150 -22.93 3.93 2.62
C SER A 150 -23.22 2.45 2.88
N GLY A 151 -22.61 1.84 3.91
CA GLY A 151 -22.87 0.43 4.24
C GLY A 151 -22.17 -0.59 3.35
N ILE A 152 -21.14 -0.16 2.60
CA ILE A 152 -20.34 -1.10 1.85
C ILE A 152 -19.44 -1.90 2.81
N PRO A 153 -19.49 -3.24 2.73
CA PRO A 153 -18.51 -4.01 3.53
C PRO A 153 -17.11 -3.73 3.01
N PHE A 154 -16.17 -3.59 3.92
CA PHE A 154 -14.83 -3.03 3.62
C PHE A 154 -13.70 -3.80 4.31
N THR A 155 -12.51 -3.76 3.71
CA THR A 155 -11.26 -4.10 4.40
C THR A 155 -10.25 -3.00 4.08
N TYR A 156 -9.61 -2.43 5.12
CA TYR A 156 -8.53 -1.45 4.95
C TYR A 156 -7.13 -2.09 5.13
N ILE A 157 -6.37 -2.19 4.04
CA ILE A 157 -5.02 -2.73 4.01
C ILE A 157 -4.00 -1.65 4.43
N CYS A 158 -3.52 -1.75 5.67
CA CYS A 158 -2.43 -0.90 6.19
C CYS A 158 -1.18 -1.73 6.24
N CYS A 159 -0.56 -1.85 5.07
CA CYS A 159 0.58 -2.72 4.88
C CYS A 159 1.95 -2.07 5.08
N ASN A 160 1.98 -0.87 5.63
CA ASN A 160 3.23 -0.20 5.96
C ASN A 160 4.13 0.05 4.70
N SER A 161 5.47 -0.07 4.78
CA SER A 161 6.33 0.37 3.68
C SER A 161 6.67 -0.77 2.72
N ILE A 162 6.63 -0.53 1.43
CA ILE A 162 7.15 -1.48 0.46
C ILE A 162 8.68 -1.64 0.66
N ALA A 163 9.18 -2.87 0.49
CA ALA A 163 10.57 -3.18 0.76
C ALA A 163 11.44 -2.56 -0.33
N SER A 164 12.06 -1.44 0.02
CA SER A 164 12.92 -0.64 -0.85
C SER A 164 13.86 0.10 0.05
N TRP A 165 14.78 0.87 -0.55
CA TRP A 165 15.45 1.91 0.17
C TRP A 165 14.50 3.11 0.21
N PRO A 166 14.08 3.55 1.41
CA PRO A 166 13.09 4.64 1.52
C PRO A 166 13.65 6.06 1.22
N TYR A 167 13.87 6.35 -0.06
CA TYR A 167 14.30 7.70 -0.47
C TYR A 167 13.21 8.73 -0.14
N TYR A 168 13.61 9.89 0.37
CA TYR A 168 12.68 10.80 1.05
C TYR A 168 11.72 11.51 0.06
N ASN A 169 12.04 11.52 -1.22
CA ASN A 169 11.18 12.24 -2.17
C ASN A 169 10.69 11.41 -3.37
N ASN A 170 10.76 10.09 -3.27
CA ASN A 170 10.40 9.19 -4.37
C ASN A 170 9.12 8.37 -4.07
N ILE A 171 8.06 8.53 -4.89
CA ILE A 171 6.79 7.78 -4.70
C ILE A 171 6.87 6.25 -4.99
N HIS A 172 7.74 5.85 -5.92
CA HIS A 172 7.99 4.44 -6.24
C HIS A 172 9.47 4.02 -5.99
N PRO A 173 9.94 4.11 -4.73
CA PRO A 173 11.38 4.01 -4.40
C PRO A 173 12.01 2.67 -4.78
N SER A 174 11.21 1.61 -4.73
CA SER A 174 11.71 0.26 -5.08
C SER A 174 12.08 0.14 -6.58
N GLU A 175 11.60 1.07 -7.42
CA GLU A 175 12.01 1.12 -8.83
C GLU A 175 13.47 1.64 -9.00
N VAL A 176 14.03 2.26 -7.96
CA VAL A 176 15.43 2.76 -7.96
C VAL A 176 16.34 1.86 -7.10
N LEU A 177 17.60 1.70 -7.47
CA LEU A 177 18.53 0.92 -6.67
C LEU A 177 18.92 1.68 -5.39
N PRO A 178 19.09 0.98 -4.26
CA PRO A 178 19.62 1.64 -3.04
C PRO A 178 21.05 2.19 -3.25
N PRO A 179 21.55 3.05 -2.33
CA PRO A 179 22.74 3.87 -2.57
C PRO A 179 24.05 3.09 -2.70
N THR A 180 24.94 3.59 -3.54
CA THR A 180 26.27 2.99 -3.72
C THR A 180 27.39 4.03 -3.58
N ASP A 181 27.12 5.10 -2.83
CA ASP A 181 28.09 6.17 -2.54
C ASP A 181 28.10 6.48 -1.04
N PHE A 182 26.98 6.94 -0.52
CA PHE A 182 26.80 7.10 0.92
C PHE A 182 25.32 7.00 1.33
N PHE A 183 25.06 6.65 2.59
CA PHE A 183 23.71 6.57 3.14
C PHE A 183 23.28 7.87 3.82
N GLN A 184 22.08 8.32 3.49
CA GLN A 184 21.45 9.45 4.17
C GLN A 184 20.50 8.85 5.17
N ILE A 185 20.84 9.00 6.45
CA ILE A 185 20.23 8.31 7.56
C ILE A 185 19.36 9.31 8.26
N TYR A 186 18.05 9.05 8.35
CA TYR A 186 17.10 10.02 8.88
C TYR A 186 17.16 10.01 10.40
N GLY A 187 17.31 11.19 10.98
CA GLY A 187 17.40 11.37 12.45
C GLY A 187 18.52 10.56 13.08
N ASP A 188 18.19 9.83 14.16
CA ASP A 188 19.12 8.92 14.85
C ASP A 188 19.31 7.60 14.11
N GLY A 189 18.45 7.34 13.12
CA GLY A 189 18.50 6.11 12.33
C GLY A 189 18.05 4.88 13.11
N ASN A 190 17.38 5.09 14.25
CA ASN A 190 16.96 4.01 15.20
C ASN A 190 15.43 3.93 15.45
N VAL A 191 14.63 4.36 14.50
CA VAL A 191 13.16 4.26 14.60
C VAL A 191 12.77 3.14 13.65
N LYS A 192 12.06 2.13 14.19
CA LYS A 192 11.62 0.96 13.42
C LYS A 192 10.46 1.29 12.45
N ALA A 193 10.49 0.65 11.28
CA ALA A 193 9.36 0.55 10.40
C ALA A 193 9.28 -0.91 9.93
N TYR A 194 8.20 -1.23 9.25
CA TYR A 194 8.01 -2.55 8.65
C TYR A 194 8.07 -2.47 7.15
N PHE A 195 8.84 -3.38 6.57
CA PHE A 195 9.06 -3.45 5.12
C PHE A 195 8.48 -4.75 4.56
N VAL A 196 7.72 -4.65 3.48
CA VAL A 196 7.04 -5.80 2.91
C VAL A 196 7.31 -5.85 1.41
N ALA A 197 7.72 -7.00 0.90
CA ALA A 197 7.91 -7.14 -0.54
C ALA A 197 6.59 -6.84 -1.24
N GLY A 198 6.66 -6.24 -2.43
CA GLY A 198 5.49 -6.08 -3.29
C GLY A 198 4.69 -7.36 -3.47
N THR A 199 5.37 -8.48 -3.70
CA THR A 199 4.68 -9.75 -3.94
C THR A 199 3.86 -10.17 -2.69
N ASP A 200 4.35 -9.84 -1.50
CA ASP A 200 3.64 -10.11 -0.25
C ASP A 200 2.47 -9.16 -0.06
N ILE A 201 2.64 -7.89 -0.40
CA ILE A 201 1.50 -6.99 -0.34
C ILE A 201 0.38 -7.58 -1.19
N GLY A 202 0.72 -8.01 -2.41
CA GLY A 202 -0.27 -8.58 -3.32
C GLY A 202 -0.92 -9.86 -2.79
N LYS A 203 -0.08 -10.83 -2.44
CA LYS A 203 -0.55 -12.14 -1.96
C LYS A 203 -1.46 -12.04 -0.74
N PHE A 204 -1.00 -11.34 0.29
CA PHE A 204 -1.80 -11.25 1.52
C PHE A 204 -2.98 -10.32 1.40
N THR A 205 -2.88 -9.31 0.54
CA THR A 205 -4.07 -8.49 0.25
C THR A 205 -5.20 -9.38 -0.27
N MET A 206 -4.91 -10.22 -1.24
CA MET A 206 -5.96 -11.01 -1.85
C MET A 206 -6.52 -12.14 -0.94
N LYS A 207 -5.73 -12.65 -0.01
CA LYS A 207 -6.27 -13.57 0.99
C LYS A 207 -7.39 -12.96 1.83
N THR A 208 -7.30 -11.64 2.09
CA THR A 208 -8.25 -10.96 3.00
C THR A 208 -9.64 -10.68 2.42
N VAL A 209 -9.79 -10.69 1.09
CA VAL A 209 -11.01 -10.11 0.48
C VAL A 209 -12.32 -10.84 0.80
N ASP A 210 -12.21 -12.12 1.16
CA ASP A 210 -13.37 -12.95 1.50
C ASP A 210 -13.11 -13.75 2.77
N ASP A 211 -12.22 -13.23 3.61
CA ASP A 211 -11.95 -13.81 4.90
C ASP A 211 -12.97 -13.21 5.86
N VAL A 212 -13.68 -14.09 6.57
CA VAL A 212 -14.69 -13.66 7.54
C VAL A 212 -14.08 -12.75 8.63
N ARG A 213 -12.85 -13.03 9.01
CA ARG A 213 -12.11 -12.30 10.04
C ARG A 213 -11.61 -10.87 9.64
N THR A 214 -11.74 -10.49 8.37
CA THR A 214 -11.31 -9.16 7.88
C THR A 214 -12.43 -8.23 7.48
N LEU A 215 -13.66 -8.72 7.64
CA LEU A 215 -14.88 -7.98 7.37
C LEU A 215 -14.96 -6.75 8.23
N ASN A 216 -15.01 -5.59 7.60
CA ASN A 216 -15.07 -4.31 8.30
C ASN A 216 -13.92 -4.12 9.27
N LYS A 217 -12.72 -4.61 8.87
CA LYS A 217 -11.48 -4.43 9.62
C LYS A 217 -10.36 -3.68 8.88
N SER A 218 -9.48 -3.12 9.70
CA SER A 218 -8.17 -2.68 9.29
C SER A 218 -7.21 -3.84 9.48
N VAL A 219 -6.52 -4.21 8.39
CA VAL A 219 -5.52 -5.25 8.37
C VAL A 219 -4.10 -4.64 8.34
N HIS A 220 -3.38 -4.83 9.43
CA HIS A 220 -2.02 -4.29 9.58
C HIS A 220 -0.98 -5.35 9.24
N PHE A 221 0.07 -4.94 8.50
CA PHE A 221 1.15 -5.84 8.14
C PHE A 221 2.34 -5.61 9.09
N ARG A 222 2.50 -6.50 10.06
CA ARG A 222 3.59 -6.42 10.99
C ARG A 222 4.45 -7.66 11.03
N PRO A 223 5.10 -7.99 9.89
CA PRO A 223 6.03 -9.13 9.85
C PRO A 223 7.21 -8.84 10.77
N SER A 224 7.38 -9.62 11.82
CA SER A 224 8.34 -9.24 12.88
C SER A 224 9.80 -9.34 12.43
N CYS A 225 10.11 -10.23 11.49
CA CYS A 225 11.47 -10.30 10.95
C CYS A 225 11.85 -9.12 10.06
N ASN A 226 10.85 -8.36 9.62
CA ASN A 226 11.03 -7.23 8.73
C ASN A 226 10.79 -5.90 9.44
N CYS A 227 10.97 -5.90 10.74
CA CYS A 227 10.86 -4.72 11.53
C CYS A 227 12.26 -4.17 11.80
N LEU A 228 12.63 -3.16 11.02
CA LEU A 228 14.01 -2.71 10.91
C LEU A 228 14.08 -1.21 10.96
N ASN A 229 15.17 -0.68 11.52
CA ASN A 229 15.41 0.75 11.42
C ASN A 229 16.31 1.05 10.23
N ILE A 230 16.52 2.33 9.96
CA ILE A 230 17.23 2.74 8.74
C ILE A 230 18.69 2.28 8.81
N ASN A 231 19.29 2.32 10.00
CA ASN A 231 20.69 1.82 10.19
C ASN A 231 20.84 0.33 9.86
N GLU A 232 19.85 -0.47 10.29
CA GLU A 232 19.83 -1.92 10.06
C GLU A 232 19.68 -2.20 8.56
N LEU A 233 18.90 -1.36 7.91
CA LEU A 233 18.62 -1.49 6.48
C LEU A 233 19.94 -1.25 5.70
N ALA A 234 20.62 -0.17 6.08
CA ALA A 234 21.95 0.13 5.55
C ALA A 234 22.88 -1.03 5.70
N SER A 235 22.88 -1.64 6.87
CA SER A 235 23.77 -2.79 7.05
C SER A 235 23.36 -3.99 6.18
N VAL A 236 22.04 -4.19 5.95
CA VAL A 236 21.66 -5.29 5.08
C VAL A 236 22.23 -5.03 3.66
N TRP A 237 22.15 -3.78 3.20
CA TRP A 237 22.67 -3.45 1.85
C TRP A 237 24.19 -3.53 1.76
N GLU A 238 24.88 -3.04 2.79
CA GLU A 238 26.36 -3.19 2.90
C GLU A 238 26.79 -4.64 2.74
N LYS A 239 26.10 -5.54 3.45
CA LYS A 239 26.41 -6.98 3.37
C LYS A 239 26.13 -7.58 2.01
N LYS A 240 25.17 -7.02 1.27
CA LYS A 240 24.94 -7.40 -0.11
C LYS A 240 26.06 -6.88 -1.02
N ILE A 241 26.41 -5.60 -0.90
CA ILE A 241 27.45 -5.04 -1.78
C ILE A 241 28.88 -5.40 -1.36
N GLY A 242 29.03 -6.01 -0.18
CA GLY A 242 30.33 -6.47 0.33
C GLY A 242 31.30 -5.35 0.60
N ARG A 243 30.78 -4.25 1.13
CA ARG A 243 31.48 -2.96 1.13
C ARG A 243 30.68 -1.98 2.00
N THR A 244 31.36 -1.19 2.82
CA THR A 244 30.69 -0.20 3.66
C THR A 244 30.63 1.14 2.93
N LEU A 245 29.59 1.95 3.23
CA LEU A 245 29.54 3.33 2.75
C LEU A 245 29.57 4.31 3.93
N PRO A 246 29.98 5.56 3.67
CA PRO A 246 29.75 6.64 4.65
C PRO A 246 28.28 6.81 4.97
N ARG A 247 28.00 7.15 6.23
CA ARG A 247 26.68 7.44 6.68
C ARG A 247 26.63 8.91 7.12
N VAL A 248 25.68 9.66 6.56
CA VAL A 248 25.48 11.05 6.97
C VAL A 248 24.06 11.22 7.49
N THR A 249 23.89 12.21 8.38
CA THR A 249 22.57 12.54 8.94
C THR A 249 21.77 13.56 8.07
N VAL A 250 20.51 13.19 7.83
CA VAL A 250 19.47 14.06 7.32
C VAL A 250 18.55 14.32 8.50
N THR A 251 18.40 15.58 8.92
CA THR A 251 17.69 15.87 10.15
C THR A 251 16.15 15.97 9.92
N GLU A 252 15.44 16.08 11.04
CA GLU A 252 14.02 16.37 11.06
C GLU A 252 13.72 17.68 10.32
N ASP A 253 14.44 18.73 10.67
CA ASP A 253 14.34 20.02 9.96
C ASP A 253 14.56 19.90 8.44
N ASP A 254 15.61 19.19 8.00
CA ASP A 254 15.80 18.93 6.55
C ASP A 254 14.50 18.37 5.92
N LEU A 255 13.96 17.32 6.51
CA LEU A 255 12.74 16.72 5.97
C LEU A 255 11.49 17.64 6.01
N LEU A 256 11.33 18.42 7.09
CA LEU A 256 10.20 19.31 7.24
C LEU A 256 10.32 20.50 6.26
N ALA A 257 11.54 20.95 6.02
CA ALA A 257 11.80 21.91 4.96
C ALA A 257 11.47 21.29 3.59
N ALA A 258 11.85 20.04 3.31
CA ALA A 258 11.40 19.45 2.01
C ALA A 258 9.85 19.40 1.93
N ALA A 259 9.20 18.92 3.00
CA ALA A 259 7.71 18.96 3.09
C ALA A 259 7.10 20.37 2.92
N GLY A 260 7.74 21.37 3.53
CA GLY A 260 7.22 22.73 3.53
C GLY A 260 7.23 23.39 2.16
N GLU A 261 7.96 22.79 1.23
CA GLU A 261 8.03 23.33 -0.14
C GLU A 261 6.75 23.06 -0.96
N ASN A 262 5.90 22.13 -0.53
CA ASN A 262 4.64 21.84 -1.25
C ASN A 262 4.76 21.51 -2.74
N ILE A 263 5.77 20.71 -3.08
CA ILE A 263 5.95 20.21 -4.45
C ILE A 263 5.35 18.81 -4.53
N ILE A 264 4.35 18.63 -5.40
CA ILE A 264 3.59 17.38 -5.41
C ILE A 264 4.15 16.45 -6.48
N PRO A 265 4.46 15.19 -6.14
CA PRO A 265 4.28 14.47 -4.87
C PRO A 265 5.53 14.30 -3.98
N GLN A 266 6.63 14.96 -4.33
CA GLN A 266 7.87 14.87 -3.57
C GLN A 266 7.72 15.29 -2.09
N SER A 267 7.14 16.48 -1.87
CA SER A 267 6.92 16.97 -0.52
C SER A 267 5.98 16.04 0.27
N VAL A 268 5.09 15.32 -0.41
CA VAL A 268 4.17 14.39 0.27
C VAL A 268 4.99 13.24 0.84
N VAL A 269 5.86 12.67 0.02
CA VAL A 269 6.68 11.55 0.46
C VAL A 269 7.62 11.98 1.57
N ALA A 270 8.09 13.22 1.52
CA ALA A 270 8.92 13.78 2.58
C ALA A 270 8.13 13.84 3.92
N ALA A 271 6.91 14.36 3.85
CA ALA A 271 6.00 14.34 5.03
C ALA A 271 5.91 12.91 5.66
N PHE A 272 5.76 11.90 4.83
CA PHE A 272 5.57 10.51 5.27
C PHE A 272 6.86 9.93 5.86
N THR A 273 7.97 10.21 5.20
CA THR A 273 9.27 9.84 5.72
C THR A 273 9.46 10.41 7.11
N HIS A 274 9.14 11.68 7.29
CA HIS A 274 9.19 12.25 8.64
C HIS A 274 8.32 11.43 9.63
N ASP A 275 7.06 11.22 9.25
CA ASP A 275 6.11 10.52 10.12
C ASP A 275 6.64 9.16 10.50
N ILE A 276 7.22 8.45 9.55
CA ILE A 276 7.70 7.12 9.74
C ILE A 276 8.98 7.05 10.60
N PHE A 277 10.02 7.78 10.14
CA PHE A 277 11.39 7.59 10.67
C PHE A 277 11.80 8.60 11.72
N ILE A 278 11.04 9.66 11.87
CA ILE A 278 11.24 10.56 12.99
C ILE A 278 10.21 10.30 14.10
N LYS A 279 8.93 10.28 13.74
CA LYS A 279 7.83 10.20 14.71
C LYS A 279 7.42 8.76 15.04
N GLY A 280 7.81 7.80 14.23
CA GLY A 280 7.59 6.38 14.55
C GLY A 280 6.16 5.89 14.37
N CYS A 281 5.43 6.45 13.40
CA CYS A 281 4.02 6.15 13.17
C CYS A 281 3.58 4.69 12.84
N GLN A 282 4.47 3.87 12.31
CA GLN A 282 4.10 2.50 11.94
C GLN A 282 4.07 1.58 13.17
N VAL A 283 4.77 1.98 14.21
CA VAL A 283 5.00 1.12 15.35
C VAL A 283 4.48 1.66 16.65
N ASN A 284 3.91 2.87 16.68
CA ASN A 284 3.57 3.50 17.98
C ASN A 284 2.15 3.24 18.54
N PHE A 285 1.46 2.23 18.04
CA PHE A 285 0.10 1.93 18.47
C PHE A 285 -0.11 0.43 18.56
N SER A 286 -1.07 0.03 19.40
CA SER A 286 -1.42 -1.34 19.63
C SER A 286 -2.51 -1.75 18.65
N ILE A 287 -2.48 -3.01 18.19
CA ILE A 287 -3.48 -3.55 17.28
C ILE A 287 -4.36 -4.60 18.00
N ASP A 288 -4.53 -4.42 19.30
CA ASP A 288 -5.16 -5.43 20.15
C ASP A 288 -6.69 -5.31 20.14
N GLY A 289 -7.21 -4.14 19.77
CA GLY A 289 -8.66 -3.90 19.68
C GLY A 289 -9.39 -4.72 18.60
N PRO A 290 -10.73 -4.77 18.68
CA PRO A 290 -11.54 -5.63 17.82
C PRO A 290 -11.69 -5.17 16.35
N GLU A 291 -11.48 -3.89 16.06
CA GLU A 291 -11.51 -3.43 14.67
C GLU A 291 -10.18 -3.55 13.90
N ASP A 292 -9.13 -4.09 14.56
CA ASP A 292 -7.77 -4.26 14.04
C ASP A 292 -7.33 -5.74 14.03
N VAL A 293 -6.78 -6.22 12.92
CA VAL A 293 -6.22 -7.55 12.85
C VAL A 293 -4.86 -7.41 12.18
N GLU A 294 -3.99 -8.40 12.37
CA GLU A 294 -2.60 -8.38 11.87
C GLU A 294 -2.34 -9.59 10.97
N VAL A 295 -1.68 -9.41 9.82
N VAL A 295 -1.69 -9.41 9.82
CA VAL A 295 -1.59 -10.46 8.80
CA VAL A 295 -1.62 -10.49 8.80
C VAL A 295 -0.94 -11.76 9.25
C VAL A 295 -0.94 -11.77 9.24
N THR A 296 0.18 -11.67 9.97
CA THR A 296 0.90 -12.87 10.43
C THR A 296 0.13 -13.72 11.45
N THR A 297 -0.78 -13.10 12.20
CA THR A 297 -1.61 -13.84 13.15
C THR A 297 -2.86 -14.39 12.43
N LEU A 298 -3.33 -13.71 11.39
CA LEU A 298 -4.37 -14.26 10.50
C LEU A 298 -3.91 -15.48 9.71
N TYR A 299 -2.66 -15.44 9.25
CA TYR A 299 -2.15 -16.42 8.27
C TYR A 299 -0.82 -16.96 8.81
N PRO A 300 -0.94 -17.85 9.79
CA PRO A 300 0.24 -18.30 10.49
C PRO A 300 0.92 -19.42 9.74
N GLU A 301 2.26 -19.46 9.89
CA GLU A 301 3.10 -20.45 9.25
C GLU A 301 3.11 -20.17 7.76
N ASP A 302 2.97 -18.90 7.42
CA ASP A 302 2.94 -18.43 6.04
C ASP A 302 3.93 -17.27 5.88
N SER A 303 5.21 -17.60 5.92
CA SER A 303 6.31 -16.63 5.94
C SER A 303 6.34 -15.46 4.94
N PHE A 304 6.73 -14.28 5.43
CA PHE A 304 7.02 -13.14 4.56
C PHE A 304 8.42 -13.21 3.97
N ARG A 305 8.59 -12.67 2.77
CA ARG A 305 9.94 -12.51 2.22
C ARG A 305 10.68 -11.51 3.12
N THR A 306 11.93 -11.83 3.41
CA THR A 306 12.78 -11.00 4.23
C THR A 306 13.34 -9.86 3.39
N VAL A 307 13.81 -8.80 4.05
CA VAL A 307 14.45 -7.69 3.34
C VAL A 307 15.78 -8.11 2.71
N GLU A 308 16.55 -8.98 3.38
CA GLU A 308 17.75 -9.58 2.79
C GLU A 308 17.41 -10.18 1.42
N GLU A 309 16.33 -10.94 1.37
CA GLU A 309 15.93 -11.60 0.14
C GLU A 309 15.46 -10.62 -0.96
N CYS A 310 14.69 -9.60 -0.61
CA CYS A 310 14.31 -8.54 -1.57
C CYS A 310 15.51 -7.75 -2.11
N PHE A 311 16.45 -7.42 -1.22
CA PHE A 311 17.66 -6.70 -1.61
C PHE A 311 18.52 -7.59 -2.48
N GLY A 312 18.47 -8.89 -2.27
CA GLY A 312 19.06 -9.87 -3.17
C GLY A 312 18.59 -9.66 -4.60
N GLU A 313 17.29 -9.40 -4.77
CA GLU A 313 16.73 -9.15 -6.11
C GLU A 313 17.48 -8.05 -6.90
N TYR A 314 17.81 -6.94 -6.25
CA TYR A 314 18.56 -5.84 -6.89
C TYR A 314 19.95 -6.25 -7.29
N ILE A 315 20.61 -6.94 -6.37
CA ILE A 315 21.97 -7.39 -6.56
C ILE A 315 22.09 -8.23 -7.82
N VAL A 316 20.95 -8.61 -8.43
CA VAL A 316 20.91 -9.04 -9.84
C VAL A 316 20.53 -7.85 -10.77
N LYS A 317 21.46 -6.93 -10.98
CA LYS A 317 21.25 -5.76 -11.86
C LYS A 317 21.67 -6.07 -13.30
#